data_5JD8
#
_entry.id   5JD8
#
_cell.length_a   104.418
_cell.length_b   104.418
_cell.length_c   76.015
_cell.angle_alpha   90.00
_cell.angle_beta   90.00
_cell.angle_gamma   120.00
#
_symmetry.space_group_name_H-M   'H 3'
#
loop_
_entity.id
_entity.type
_entity.pdbx_description
1 polymer 'Periplasmic serine peptidase DegS'
2 non-polymer '3-CYCLOHEXYL-1-PROPYLSULFONIC ACID'
3 non-polymer DI(HYDROXYETHYL)ETHER
4 non-polymer 'SULFATE ION'
5 water water
#
_entity_poly.entity_id   1
_entity_poly.type   'polypeptide(L)'
_entity_poly.pdbx_seq_one_letter_code
;PGYLFSGKSNNVNEEVPTSYNQAVRRAAPAVVNVYNRSLSATQQGLAIRTLGSGVIMSDKGYILTNKHVINDAEQIIVAM
QNGRISEALLVGSDNLTDLAVLKIDATNLPVIPININRTPHIGDVVLAIGNPYNLGQTVTQGIISATGRIGLSSSGRQNF
LQTDASINQGNSGGALVNTLGELMGINTLSFDKSNNGETPEGIGFAIPTALATKVMEKLIRDGRVIRGYIGITGEEYPPF
NANDNGSDRVHGIKVKKVSPDGPAAQAGIHVGDIILNVNNKPATSVIETMDQVAEVRPGTTIPVLLLRNGQQIAVQITIT
ELDQNEMLTTQAAD
;
_entity_poly.pdbx_strand_id   A
#
# COMPACT_ATOMS: atom_id res chain seq x y z
N GLU A 15 -25.86 6.46 30.90
CA GLU A 15 -27.30 6.21 30.61
C GLU A 15 -27.54 5.57 29.25
N VAL A 16 -26.53 5.57 28.39
CA VAL A 16 -26.67 5.07 26.99
C VAL A 16 -25.51 4.10 26.84
N PRO A 17 -25.69 2.99 26.15
CA PRO A 17 -24.51 2.09 26.06
C PRO A 17 -23.43 2.69 25.17
N THR A 18 -22.20 2.44 25.50
CA THR A 18 -21.10 2.90 24.66
C THR A 18 -21.06 2.10 23.38
N SER A 19 -21.04 2.80 22.23
CA SER A 19 -21.10 2.15 20.98
C SER A 19 -20.39 2.85 19.88
N TYR A 20 -19.79 2.08 18.96
CA TYR A 20 -19.19 2.64 17.75
C TYR A 20 -20.05 2.28 16.52
N ASN A 21 -21.32 2.02 16.76
CA ASN A 21 -22.23 1.66 15.68
C ASN A 21 -22.35 2.77 14.64
N GLN A 22 -22.22 4.00 15.03
CA GLN A 22 -22.30 5.10 14.03
C GLN A 22 -21.16 4.99 13.02
N ALA A 23 -19.93 4.72 13.48
CA ALA A 23 -18.86 4.44 12.59
C ALA A 23 -19.16 3.29 11.65
N VAL A 24 -19.73 2.23 12.18
CA VAL A 24 -20.02 1.08 11.37
C VAL A 24 -21.07 1.45 10.30
N ARG A 25 -22.11 2.16 10.69
N ARG A 25 -22.12 2.16 10.67
CA ARG A 25 -23.17 2.57 9.74
CA ARG A 25 -23.15 2.54 9.67
C ARG A 25 -22.62 3.47 8.63
C ARG A 25 -22.59 3.45 8.59
N ARG A 26 -21.63 4.28 8.95
CA ARG A 26 -20.99 5.17 7.95
C ARG A 26 -20.06 4.50 7.03
N ALA A 27 -19.29 3.53 7.52
CA ALA A 27 -18.20 2.91 6.75
C ALA A 27 -18.46 1.53 6.20
N ALA A 28 -19.14 0.68 6.96
CA ALA A 28 -19.32 -0.70 6.50
C ALA A 28 -20.06 -0.89 5.19
N PRO A 29 -21.00 -0.01 4.79
CA PRO A 29 -21.63 -0.23 3.51
C PRO A 29 -20.65 -0.14 2.34
N ALA A 30 -19.49 0.51 2.55
CA ALA A 30 -18.46 0.68 1.53
C ALA A 30 -17.41 -0.32 1.59
N VAL A 31 -17.49 -1.26 2.52
CA VAL A 31 -16.51 -2.31 2.60
C VAL A 31 -17.12 -3.60 1.99
N VAL A 32 -16.44 -4.14 0.98
CA VAL A 32 -16.93 -5.23 0.17
C VAL A 32 -16.23 -6.51 0.48
N ASN A 33 -16.84 -7.62 0.07
CA ASN A 33 -16.19 -8.94 0.08
C ASN A 33 -15.71 -9.22 -1.33
N VAL A 34 -14.44 -9.59 -1.38
CA VAL A 34 -13.70 -9.84 -2.68
C VAL A 34 -13.38 -11.33 -2.80
N TYR A 35 -13.79 -11.94 -3.92
CA TYR A 35 -13.59 -13.35 -4.16
C TYR A 35 -12.75 -13.55 -5.45
N ASN A 36 -11.62 -14.27 -5.27
CA ASN A 36 -10.70 -14.55 -6.40
C ASN A 36 -11.09 -15.95 -6.93
N ARG A 37 -11.71 -16.02 -8.10
CA ARG A 37 -12.12 -17.29 -8.69
C ARG A 37 -11.23 -17.71 -9.88
N SER A 38 -11.00 -19.03 -9.99
CA SER A 38 -10.26 -19.67 -11.11
C SER A 38 -10.77 -21.12 -11.30
N LEU A 39 -10.33 -21.81 -12.34
CA LEU A 39 -11.05 -23.07 -12.80
C LEU A 39 -11.05 -24.29 -11.87
N ALA A 47 -14.20 -21.88 -9.32
CA ALA A 47 -14.29 -21.93 -7.85
C ALA A 47 -13.33 -20.93 -7.14
N ILE A 48 -13.57 -20.79 -5.86
CA ILE A 48 -12.85 -19.77 -5.12
C ILE A 48 -11.45 -20.22 -4.76
N ARG A 49 -10.46 -19.48 -5.25
CA ARG A 49 -9.05 -19.69 -4.94
C ARG A 49 -8.68 -18.99 -3.61
N THR A 50 -9.11 -17.75 -3.46
CA THR A 50 -8.86 -17.09 -2.17
C THR A 50 -9.87 -15.98 -2.05
N LEU A 51 -9.92 -15.35 -0.88
CA LEU A 51 -10.90 -14.29 -0.75
C LEU A 51 -10.38 -13.28 0.26
N GLY A 52 -10.98 -12.11 0.18
CA GLY A 52 -10.68 -11.06 1.11
C GLY A 52 -11.70 -9.97 1.08
N SER A 53 -11.23 -8.73 1.31
CA SER A 53 -12.10 -7.61 1.38
C SER A 53 -11.60 -6.47 0.47
N GLY A 54 -12.42 -5.40 0.36
CA GLY A 54 -12.10 -4.25 -0.41
C GLY A 54 -12.81 -3.04 0.11
N VAL A 55 -12.39 -1.85 -0.33
CA VAL A 55 -12.94 -0.64 0.12
C VAL A 55 -13.35 0.21 -1.11
N ILE A 56 -14.61 0.62 -1.15
CA ILE A 56 -15.07 1.53 -2.23
C ILE A 56 -14.57 2.93 -1.96
N MET A 57 -13.67 3.39 -2.78
CA MET A 57 -12.95 4.68 -2.64
C MET A 57 -13.58 5.83 -3.36
N SER A 58 -14.43 5.55 -4.32
CA SER A 58 -14.92 6.61 -5.14
C SER A 58 -16.28 6.17 -5.69
N ASP A 59 -17.20 7.10 -5.84
CA ASP A 59 -18.51 6.76 -6.45
C ASP A 59 -18.45 6.36 -7.97
N LYS A 60 -17.29 6.51 -8.58
CA LYS A 60 -17.12 5.97 -9.92
C LYS A 60 -16.88 4.48 -9.96
N GLY A 61 -16.77 3.81 -8.80
CA GLY A 61 -16.60 2.37 -8.78
C GLY A 61 -15.20 1.84 -8.57
N TYR A 62 -14.26 2.70 -8.16
CA TYR A 62 -12.91 2.28 -7.83
C TYR A 62 -12.85 1.70 -6.41
N ILE A 63 -12.22 0.57 -6.29
CA ILE A 63 -12.14 -0.21 -5.05
C ILE A 63 -10.68 -0.52 -4.79
N LEU A 64 -10.21 -0.29 -3.56
CA LEU A 64 -8.89 -0.72 -3.15
C LEU A 64 -9.03 -2.11 -2.50
N THR A 65 -8.03 -2.94 -2.71
CA THR A 65 -7.89 -4.25 -2.08
C THR A 65 -6.41 -4.52 -2.03
N ASN A 66 -6.03 -5.67 -1.51
CA ASN A 66 -4.59 -6.03 -1.50
C ASN A 66 -4.32 -6.89 -2.79
N LYS A 67 -3.17 -6.70 -3.35
CA LYS A 67 -2.75 -7.44 -4.53
C LYS A 67 -2.79 -8.95 -4.28
N HIS A 68 -2.37 -9.40 -3.08
CA HIS A 68 -2.33 -10.82 -2.78
C HIS A 68 -3.69 -11.44 -2.78
N VAL A 69 -4.74 -10.63 -2.55
CA VAL A 69 -6.12 -11.15 -2.66
C VAL A 69 -6.48 -11.53 -4.12
N ILE A 70 -6.03 -10.73 -5.08
CA ILE A 70 -6.51 -10.84 -6.46
C ILE A 70 -5.47 -11.48 -7.41
N ASN A 71 -4.31 -11.80 -6.86
CA ASN A 71 -3.31 -12.47 -7.68
C ASN A 71 -3.81 -13.72 -8.38
N ASP A 72 -3.58 -13.81 -9.71
CA ASP A 72 -3.90 -15.02 -10.43
C ASP A 72 -5.39 -15.25 -10.56
N ALA A 73 -6.19 -14.22 -10.31
CA ALA A 73 -7.62 -14.35 -10.49
C ALA A 73 -7.99 -14.50 -11.95
N GLU A 74 -8.85 -15.40 -12.28
CA GLU A 74 -9.46 -15.38 -13.63
C GLU A 74 -10.71 -14.59 -13.63
N GLN A 75 -11.37 -14.44 -12.47
CA GLN A 75 -12.57 -13.65 -12.40
C GLN A 75 -12.56 -13.07 -10.93
N ILE A 76 -13.03 -11.85 -10.81
CA ILE A 76 -12.99 -11.13 -9.50
C ILE A 76 -14.43 -10.76 -9.24
N ILE A 77 -14.98 -11.27 -8.15
CA ILE A 77 -16.34 -10.96 -7.76
C ILE A 77 -16.32 -10.12 -6.49
N VAL A 78 -17.12 -9.08 -6.50
CA VAL A 78 -17.23 -8.14 -5.37
C VAL A 78 -18.68 -8.27 -4.88
N ALA A 79 -18.84 -8.58 -3.60
CA ALA A 79 -20.14 -8.59 -3.04
C ALA A 79 -20.22 -7.44 -2.02
N MET A 80 -21.26 -6.66 -2.17
CA MET A 80 -21.60 -5.57 -1.27
C MET A 80 -22.50 -6.02 -0.16
N GLN A 81 -22.51 -5.26 0.94
CA GLN A 81 -23.32 -5.64 2.07
C GLN A 81 -24.83 -5.50 1.80
N ASN A 82 -25.22 -4.73 0.82
CA ASN A 82 -26.60 -4.62 0.43
C ASN A 82 -27.05 -5.80 -0.46
N GLY A 83 -26.18 -6.77 -0.66
CA GLY A 83 -26.43 -7.97 -1.44
C GLY A 83 -26.17 -7.85 -2.94
N ARG A 84 -25.77 -6.71 -3.43
CA ARG A 84 -25.41 -6.62 -4.85
C ARG A 84 -24.09 -7.36 -5.11
N ILE A 85 -24.04 -8.04 -6.24
CA ILE A 85 -22.88 -8.85 -6.56
C ILE A 85 -22.46 -8.40 -7.93
N SER A 86 -21.18 -8.10 -8.15
CA SER A 86 -20.73 -7.53 -9.41
C SER A 86 -19.42 -8.14 -9.79
N GLU A 87 -19.17 -8.18 -11.08
CA GLU A 87 -17.90 -8.60 -11.51
C GLU A 87 -17.01 -7.36 -11.60
N ALA A 88 -15.73 -7.52 -11.29
CA ALA A 88 -14.77 -6.39 -11.22
C ALA A 88 -13.72 -6.52 -12.28
N LEU A 89 -13.27 -5.38 -12.80
CA LEU A 89 -12.08 -5.31 -13.65
C LEU A 89 -10.89 -4.91 -12.79
N LEU A 90 -9.70 -5.27 -13.23
CA LEU A 90 -8.46 -4.90 -12.56
C LEU A 90 -7.91 -3.63 -13.20
N VAL A 91 -7.77 -2.58 -12.43
CA VAL A 91 -7.24 -1.32 -12.92
C VAL A 91 -5.72 -1.39 -12.94
N GLY A 92 -5.14 -1.93 -11.87
CA GLY A 92 -3.73 -2.16 -11.75
C GLY A 92 -3.37 -2.60 -10.32
N SER A 93 -2.09 -2.90 -10.14
CA SER A 93 -1.62 -3.40 -8.88
C SER A 93 -0.20 -3.03 -8.67
N ASP A 94 0.21 -3.11 -7.40
CA ASP A 94 1.55 -2.70 -7.01
C ASP A 94 2.11 -3.68 -6.01
N ASN A 95 3.12 -4.40 -6.45
CA ASN A 95 3.71 -5.42 -5.61
C ASN A 95 4.33 -4.81 -4.39
N LEU A 96 4.94 -3.65 -4.52
CA LEU A 96 5.72 -3.07 -3.41
C LEU A 96 4.87 -2.62 -2.27
N THR A 97 3.62 -2.22 -2.52
CA THR A 97 2.75 -1.83 -1.42
C THR A 97 1.65 -2.87 -1.12
N ASP A 98 1.61 -3.90 -1.96
CA ASP A 98 0.60 -4.93 -1.95
C ASP A 98 -0.78 -4.34 -2.12
N LEU A 99 -0.95 -3.35 -2.96
CA LEU A 99 -2.27 -2.82 -3.24
C LEU A 99 -2.76 -3.15 -4.68
N ALA A 100 -4.07 -3.17 -4.86
CA ALA A 100 -4.68 -3.25 -6.22
C ALA A 100 -5.89 -2.46 -6.24
N VAL A 101 -6.22 -1.95 -7.43
CA VAL A 101 -7.45 -1.22 -7.66
C VAL A 101 -8.35 -2.00 -8.55
N LEU A 102 -9.59 -2.10 -8.18
CA LEU A 102 -10.63 -2.77 -8.95
C LEU A 102 -11.61 -1.71 -9.41
N LYS A 103 -12.36 -2.05 -10.44
CA LYS A 103 -13.41 -1.21 -10.90
C LYS A 103 -14.68 -1.98 -11.12
N ILE A 104 -15.75 -1.51 -10.51
CA ILE A 104 -17.10 -2.09 -10.75
C ILE A 104 -18.00 -0.97 -11.32
N ASP A 105 -19.15 -1.38 -11.87
CA ASP A 105 -20.27 -0.47 -12.29
C ASP A 105 -20.65 0.54 -11.21
N ALA A 106 -20.74 1.78 -11.62
CA ALA A 106 -20.80 2.87 -10.69
C ALA A 106 -22.22 3.30 -10.38
N THR A 107 -23.16 2.41 -10.08
CA THR A 107 -24.52 2.97 -9.76
C THR A 107 -24.86 2.96 -8.29
N ASN A 108 -25.07 4.15 -7.80
CA ASN A 108 -25.52 4.36 -6.46
C ASN A 108 -24.62 3.70 -5.37
N LEU A 109 -23.31 3.82 -5.54
CA LEU A 109 -22.38 3.16 -4.58
C LEU A 109 -22.21 4.00 -3.29
N PRO A 110 -22.18 3.33 -2.16
CA PRO A 110 -21.66 3.96 -0.93
C PRO A 110 -20.14 4.08 -1.03
N VAL A 111 -19.59 5.17 -0.53
CA VAL A 111 -18.17 5.44 -0.56
C VAL A 111 -17.66 5.58 0.86
N ILE A 112 -16.42 5.16 1.10
CA ILE A 112 -15.84 5.22 2.42
C ILE A 112 -15.63 6.68 2.79
N PRO A 113 -15.88 7.06 4.05
CA PRO A 113 -15.50 8.40 4.46
C PRO A 113 -13.98 8.61 4.49
N ILE A 114 -13.47 9.69 3.93
CA ILE A 114 -12.05 9.97 3.93
C ILE A 114 -11.92 11.43 4.37
N ASN A 115 -11.10 11.63 5.38
CA ASN A 115 -10.76 12.91 5.91
C ASN A 115 -9.25 13.06 5.68
N ILE A 116 -8.93 13.86 4.68
CA ILE A 116 -7.52 14.12 4.34
C ILE A 116 -6.77 14.87 5.41
N ASN A 117 -7.43 15.49 6.34
CA ASN A 117 -6.78 16.15 7.41
C ASN A 117 -6.59 15.32 8.72
N ARG A 118 -7.10 14.11 8.71
CA ARG A 118 -7.07 13.31 9.93
C ARG A 118 -5.78 12.52 9.93
N THR A 119 -4.87 12.81 10.84
CA THR A 119 -3.65 12.05 10.97
C THR A 119 -3.91 10.91 11.96
N PRO A 120 -3.55 9.73 11.66
CA PRO A 120 -3.72 8.59 12.67
C PRO A 120 -2.76 8.78 13.86
N HIS A 121 -3.28 8.86 15.06
CA HIS A 121 -2.48 9.01 16.25
C HIS A 121 -2.48 7.73 17.04
N ILE A 122 -1.36 7.42 17.67
CA ILE A 122 -1.27 6.24 18.56
C ILE A 122 -2.28 6.37 19.69
N GLY A 123 -3.12 5.35 19.87
CA GLY A 123 -4.16 5.39 20.84
C GLY A 123 -5.56 5.70 20.32
N ASP A 124 -5.64 6.14 19.06
CA ASP A 124 -6.96 6.35 18.38
C ASP A 124 -7.66 4.99 18.35
N VAL A 125 -8.94 4.98 18.74
CA VAL A 125 -9.69 3.74 18.67
C VAL A 125 -10.05 3.47 17.21
N VAL A 126 -9.92 2.26 16.78
CA VAL A 126 -10.18 1.87 15.40
C VAL A 126 -10.95 0.59 15.30
N LEU A 127 -11.62 0.45 14.16
CA LEU A 127 -12.41 -0.69 13.82
C LEU A 127 -11.88 -1.29 12.52
N ALA A 128 -11.64 -2.58 12.51
CA ALA A 128 -11.28 -3.25 11.30
C ALA A 128 -12.56 -3.94 10.74
N ILE A 129 -12.82 -3.77 9.43
CA ILE A 129 -13.99 -4.25 8.83
C ILE A 129 -13.56 -5.13 7.65
N GLY A 130 -13.98 -6.39 7.62
CA GLY A 130 -13.54 -7.29 6.50
C GLY A 130 -14.31 -8.58 6.60
N ASN A 131 -13.80 -9.57 5.90
CA ASN A 131 -14.50 -10.87 5.80
C ASN A 131 -13.64 -12.01 6.28
N PRO A 132 -13.24 -12.00 7.55
CA PRO A 132 -12.40 -13.10 8.02
C PRO A 132 -13.10 -14.48 7.92
N TYR A 133 -12.33 -15.44 7.43
CA TYR A 133 -12.77 -16.83 7.20
C TYR A 133 -14.05 -16.99 6.39
N ASN A 134 -14.39 -16.01 5.57
CA ASN A 134 -15.65 -15.99 4.89
C ASN A 134 -16.81 -16.21 5.81
N LEU A 135 -16.76 -15.63 7.06
CA LEU A 135 -17.88 -15.67 7.98
C LEU A 135 -18.96 -14.68 7.56
N GLY A 136 -18.63 -13.74 6.67
CA GLY A 136 -19.51 -12.60 6.38
C GLY A 136 -18.82 -11.37 7.09
N GLN A 137 -19.23 -10.18 6.72
CA GLN A 137 -18.56 -8.96 7.17
C GLN A 137 -18.56 -8.91 8.74
N THR A 138 -17.38 -8.64 9.25
CA THR A 138 -17.08 -8.67 10.71
C THR A 138 -16.47 -7.35 11.04
N VAL A 139 -16.70 -6.83 12.24
CA VAL A 139 -16.06 -5.63 12.66
C VAL A 139 -15.34 -5.96 14.02
N THR A 140 -14.02 -5.67 14.10
CA THR A 140 -13.28 -5.86 15.32
C THR A 140 -12.73 -4.55 15.82
N GLN A 141 -12.42 -4.43 17.10
CA GLN A 141 -12.04 -3.14 17.61
C GLN A 141 -10.63 -3.19 18.23
N GLY A 142 -9.89 -2.11 18.18
CA GLY A 142 -8.62 -2.02 18.90
C GLY A 142 -8.21 -0.55 18.80
N ILE A 143 -6.92 -0.30 18.86
CA ILE A 143 -6.38 1.01 18.71
C ILE A 143 -5.26 1.03 17.68
N ILE A 144 -4.90 2.25 17.26
N ILE A 144 -4.92 2.23 17.23
CA ILE A 144 -3.64 2.46 16.56
CA ILE A 144 -3.65 2.41 16.56
C ILE A 144 -2.49 2.22 17.55
C ILE A 144 -2.52 2.20 17.56
N SER A 145 -1.72 1.17 17.31
CA SER A 145 -0.62 0.77 18.22
C SER A 145 0.74 1.41 17.94
N ALA A 146 0.93 1.85 16.69
CA ALA A 146 2.24 2.37 16.21
C ALA A 146 1.98 2.89 14.85
N THR A 147 2.82 3.84 14.48
CA THR A 147 2.75 4.37 13.15
C THR A 147 4.17 4.47 12.61
N GLY A 148 4.35 4.47 11.30
CA GLY A 148 5.69 4.75 10.76
C GLY A 148 6.43 3.43 10.57
N ARG A 149 5.75 2.28 10.88
CA ARG A 149 6.32 0.92 10.94
C ARG A 149 6.71 0.56 9.57
N ILE A 150 8.00 0.23 9.39
CA ILE A 150 8.77 0.42 8.11
C ILE A 150 8.35 1.64 7.27
N ASN A 159 5.85 2.30 5.59
CA ASN A 159 4.65 3.15 5.97
C ASN A 159 3.45 2.20 6.23
N PHE A 160 3.31 1.99 7.50
CA PHE A 160 2.34 1.00 7.98
C PHE A 160 1.75 1.69 9.24
N LEU A 161 0.54 1.35 9.49
CA LEU A 161 -0.05 1.48 10.81
C LEU A 161 -0.09 0.11 11.45
N GLN A 162 0.22 -0.01 12.71
CA GLN A 162 0.05 -1.16 13.46
C GLN A 162 -1.20 -1.04 14.33
N THR A 163 -1.93 -2.14 14.51
CA THR A 163 -3.14 -2.15 15.28
C THR A 163 -3.37 -3.46 15.98
N ASP A 164 -4.02 -3.40 17.13
CA ASP A 164 -4.47 -4.64 17.78
C ASP A 164 -5.99 -4.90 17.54
N ALA A 165 -6.65 -4.18 16.64
CA ALA A 165 -7.97 -4.69 16.15
C ALA A 165 -7.71 -6.00 15.44
N SER A 166 -8.35 -7.06 15.86
CA SER A 166 -8.00 -8.38 15.37
C SER A 166 -8.26 -8.50 13.89
N ILE A 167 -7.22 -8.92 13.21
CA ILE A 167 -7.22 -9.15 11.79
C ILE A 167 -6.90 -10.65 11.57
N ASN A 168 -7.64 -11.30 10.69
CA ASN A 168 -7.54 -12.69 10.43
C ASN A 168 -7.45 -12.85 8.90
N GLN A 169 -7.11 -14.06 8.50
CA GLN A 169 -7.24 -14.39 7.05
C GLN A 169 -8.68 -14.08 6.54
N GLY A 170 -8.75 -13.29 5.45
CA GLY A 170 -9.94 -12.70 4.88
C GLY A 170 -10.13 -11.20 5.10
N ASN A 171 -9.43 -10.64 6.14
CA ASN A 171 -9.50 -9.23 6.41
C ASN A 171 -8.70 -8.40 5.39
N SER A 172 -7.73 -9.02 4.74
CA SER A 172 -6.85 -8.25 3.84
C SER A 172 -7.63 -7.50 2.80
N GLY A 173 -7.26 -6.27 2.61
CA GLY A 173 -7.98 -5.38 1.68
C GLY A 173 -9.10 -4.55 2.24
N GLY A 174 -9.56 -4.87 3.45
CA GLY A 174 -10.66 -4.14 4.09
C GLY A 174 -10.19 -2.88 4.80
N ALA A 175 -11.13 -2.25 5.52
CA ALA A 175 -10.94 -0.92 6.05
C ALA A 175 -10.56 -0.98 7.54
N LEU A 176 -9.67 -0.06 7.92
CA LEU A 176 -9.46 0.28 9.33
C LEU A 176 -10.00 1.67 9.43
N VAL A 177 -11.01 1.92 10.29
CA VAL A 177 -11.64 3.23 10.40
C VAL A 177 -11.60 3.70 11.81
N ASN A 178 -11.60 5.00 12.02
CA ASN A 178 -11.77 5.55 13.36
C ASN A 178 -13.23 5.61 13.78
N THR A 179 -13.52 6.16 14.95
CA THR A 179 -14.85 6.03 15.49
C THR A 179 -15.82 7.02 14.77
N LEU A 180 -15.34 7.88 13.88
CA LEU A 180 -16.21 8.68 13.02
C LEU A 180 -16.50 7.99 11.73
N GLY A 181 -15.90 6.79 11.50
CA GLY A 181 -16.01 6.09 10.22
C GLY A 181 -15.00 6.51 9.19
N GLU A 182 -14.09 7.44 9.52
CA GLU A 182 -13.08 7.86 8.56
C GLU A 182 -11.98 6.82 8.30
N LEU A 183 -11.63 6.54 7.06
CA LEU A 183 -10.63 5.60 6.76
C LEU A 183 -9.29 5.95 7.29
N MET A 184 -8.72 5.08 8.08
CA MET A 184 -7.36 5.27 8.58
C MET A 184 -6.33 4.47 7.74
N GLY A 185 -6.73 3.34 7.20
CA GLY A 185 -5.88 2.53 6.36
C GLY A 185 -6.56 1.28 5.81
N ILE A 186 -5.82 0.60 4.92
CA ILE A 186 -6.23 -0.65 4.31
C ILE A 186 -5.54 -1.81 5.03
N ASN A 187 -6.30 -2.66 5.67
CA ASN A 187 -5.69 -3.78 6.40
C ASN A 187 -4.99 -4.74 5.51
N THR A 188 -3.81 -5.18 5.91
CA THR A 188 -2.99 -6.00 5.02
C THR A 188 -2.58 -7.34 5.64
N LEU A 189 -2.03 -7.43 6.84
CA LEU A 189 -1.58 -8.74 7.32
C LEU A 189 -1.46 -8.69 8.85
N SER A 190 -1.48 -9.87 9.45
CA SER A 190 -1.33 -10.03 10.89
C SER A 190 0.08 -10.62 11.06
N PHE A 191 0.84 -10.17 12.04
CA PHE A 191 2.21 -10.67 12.36
C PHE A 191 2.10 -12.13 12.81
N GLU A 198 5.15 -19.56 20.39
CA GLU A 198 4.05 -18.69 20.86
C GLU A 198 3.37 -18.06 19.66
N THR A 199 2.12 -17.69 19.83
CA THR A 199 1.40 -17.06 18.73
C THR A 199 1.31 -15.58 19.05
N PRO A 200 1.72 -14.70 18.15
CA PRO A 200 1.55 -13.31 18.47
C PRO A 200 0.09 -12.91 18.49
N GLU A 201 -0.22 -12.02 19.39
CA GLU A 201 -1.59 -11.55 19.56
C GLU A 201 -1.67 -10.10 19.35
N GLY A 202 -2.68 -9.68 18.59
CA GLY A 202 -2.94 -8.25 18.55
C GLY A 202 -1.90 -7.43 17.82
N ILE A 203 -1.19 -8.06 16.88
CA ILE A 203 -0.25 -7.30 16.05
C ILE A 203 -0.68 -7.43 14.60
N GLY A 204 -1.19 -6.36 14.03
CA GLY A 204 -1.60 -6.44 12.63
C GLY A 204 -1.35 -5.11 12.00
N PHE A 205 -1.32 -5.08 10.70
CA PHE A 205 -0.78 -3.92 9.93
C PHE A 205 -1.74 -3.42 8.88
N ALA A 206 -1.76 -2.13 8.62
CA ALA A 206 -2.52 -1.54 7.59
C ALA A 206 -1.73 -0.49 6.84
N ILE A 207 -1.98 -0.35 5.54
CA ILE A 207 -1.34 0.74 4.77
C ILE A 207 -2.11 2.02 5.03
N PRO A 208 -1.45 3.08 5.47
CA PRO A 208 -2.27 4.25 5.86
C PRO A 208 -2.97 4.90 4.67
N THR A 209 -4.06 5.58 4.93
CA THR A 209 -4.85 6.19 3.91
C THR A 209 -4.11 7.07 2.89
N ALA A 210 -3.28 7.94 3.38
CA ALA A 210 -2.56 8.87 2.47
C ALA A 210 -1.74 8.15 1.42
N LEU A 211 -0.97 7.18 1.85
CA LEU A 211 -0.23 6.34 0.95
C LEU A 211 -1.11 5.51 0.04
N ALA A 212 -2.14 4.90 0.59
CA ALA A 212 -3.04 4.05 -0.18
C ALA A 212 -3.71 4.87 -1.27
N THR A 213 -4.10 6.09 -0.94
CA THR A 213 -4.85 6.85 -1.92
C THR A 213 -3.93 7.34 -3.08
N LYS A 214 -2.69 7.61 -2.74
CA LYS A 214 -1.65 8.07 -3.67
C LYS A 214 -1.37 6.91 -4.62
N VAL A 215 -1.23 5.69 -4.11
CA VAL A 215 -1.02 4.50 -4.96
C VAL A 215 -2.24 4.34 -5.85
N MET A 216 -3.45 4.40 -5.27
CA MET A 216 -4.65 4.29 -6.05
C MET A 216 -4.67 5.27 -7.25
N GLU A 217 -4.36 6.52 -7.00
CA GLU A 217 -4.38 7.54 -8.04
C GLU A 217 -3.37 7.22 -9.13
N LYS A 218 -2.16 6.77 -8.77
CA LYS A 218 -1.22 6.38 -9.77
C LYS A 218 -1.67 5.18 -10.60
N LEU A 219 -2.23 4.18 -9.96
CA LEU A 219 -2.79 3.04 -10.68
C LEU A 219 -3.92 3.46 -11.61
N ILE A 220 -4.78 4.37 -11.20
CA ILE A 220 -5.87 4.81 -12.06
C ILE A 220 -5.27 5.51 -13.27
N ARG A 221 -4.38 6.42 -12.99
CA ARG A 221 -3.77 7.19 -14.07
C ARG A 221 -2.84 6.45 -15.03
N ASP A 222 -1.98 5.56 -14.54
CA ASP A 222 -0.89 4.99 -15.33
C ASP A 222 -0.97 3.50 -15.46
N GLY A 223 -1.91 2.90 -14.75
CA GLY A 223 -2.03 1.48 -14.70
C GLY A 223 -0.92 0.80 -13.97
N ARG A 224 0.00 1.56 -13.36
CA ARG A 224 1.04 0.97 -12.47
C ARG A 224 1.62 2.05 -11.67
N VAL A 225 2.44 1.71 -10.68
CA VAL A 225 3.16 2.74 -9.94
C VAL A 225 4.54 2.95 -10.56
N ILE A 226 4.79 4.10 -11.16
CA ILE A 226 6.11 4.29 -11.87
C ILE A 226 7.13 4.70 -10.83
N ARG A 227 8.17 3.89 -10.64
CA ARG A 227 9.23 4.24 -9.70
C ARG A 227 10.53 4.38 -10.50
N GLY A 228 11.44 5.21 -10.00
CA GLY A 228 12.79 5.29 -10.57
C GLY A 228 13.66 4.18 -10.05
N TYR A 229 14.62 3.81 -10.88
CA TYR A 229 15.52 2.73 -10.59
C TYR A 229 16.96 3.07 -10.92
N ILE A 230 17.82 2.57 -10.05
CA ILE A 230 19.23 2.66 -10.19
C ILE A 230 19.66 1.24 -9.94
N GLY A 231 20.62 0.74 -10.68
CA GLY A 231 21.01 -0.63 -10.52
C GLY A 231 21.93 -0.90 -9.36
N ILE A 232 21.52 -0.70 -8.12
CA ILE A 232 22.48 -0.80 -7.01
C ILE A 232 21.98 -1.50 -5.75
N THR A 233 22.78 -2.42 -5.24
CA THR A 233 22.53 -2.99 -3.93
C THR A 233 23.61 -2.42 -3.03
N GLY A 234 23.24 -1.83 -1.89
CA GLY A 234 24.21 -1.19 -0.99
C GLY A 234 23.89 -1.38 0.49
N GLU A 235 24.81 -0.95 1.37
CA GLU A 235 24.67 -1.04 2.85
C GLU A 235 25.50 0.04 3.58
N GLY A 252 29.24 7.17 3.38
CA GLY A 252 28.26 7.03 2.29
C GLY A 252 27.61 5.65 2.20
N ILE A 253 27.46 5.15 0.96
CA ILE A 253 26.83 3.83 0.72
C ILE A 253 27.72 2.99 -0.17
N LYS A 254 28.05 1.78 0.28
CA LYS A 254 28.90 0.88 -0.50
C LYS A 254 28.06 0.07 -1.50
N VAL A 255 28.57 -0.04 -2.72
CA VAL A 255 27.87 -0.79 -3.77
C VAL A 255 28.26 -2.25 -3.77
N LYS A 256 27.76 -2.99 -2.78
CA LYS A 256 28.06 -4.42 -2.68
C LYS A 256 27.90 -5.12 -4.02
N LYS A 257 26.90 -4.69 -4.79
CA LYS A 257 26.64 -5.26 -6.09
C LYS A 257 26.11 -4.13 -6.98
N VAL A 258 26.63 -4.03 -8.21
CA VAL A 258 25.96 -3.25 -9.25
C VAL A 258 25.04 -4.22 -9.96
N SER A 259 23.95 -3.70 -10.52
CA SER A 259 23.03 -4.44 -11.34
C SER A 259 23.53 -4.35 -12.80
N PRO A 260 23.79 -5.51 -13.46
CA PRO A 260 24.12 -5.43 -14.89
C PRO A 260 22.89 -5.02 -15.69
N ASP A 261 23.10 -4.26 -16.78
CA ASP A 261 22.02 -3.56 -17.47
C ASP A 261 21.42 -2.50 -16.53
N GLY A 262 22.16 -2.12 -15.48
CA GLY A 262 21.64 -1.24 -14.44
C GLY A 262 22.24 0.12 -14.62
N PRO A 263 21.40 1.18 -14.76
CA PRO A 263 21.89 2.54 -15.01
C PRO A 263 23.13 3.05 -14.23
N ALA A 264 23.43 2.41 -13.09
CA ALA A 264 24.71 2.53 -12.39
C ALA A 264 25.92 1.99 -13.22
N ALA A 265 25.88 0.71 -13.55
CA ALA A 265 26.95 0.08 -14.33
C ALA A 265 27.12 0.77 -15.68
N GLN A 266 26.01 0.95 -16.39
CA GLN A 266 26.03 1.60 -17.69
C GLN A 266 26.18 3.11 -17.55
N ALA A 267 26.68 3.55 -16.41
CA ALA A 267 26.87 4.97 -16.15
C ALA A 267 28.32 5.28 -15.77
N GLY A 268 29.06 4.24 -15.40
CA GLY A 268 30.45 4.39 -15.02
C GLY A 268 30.70 4.02 -13.57
N ILE A 269 29.65 3.59 -12.88
CA ILE A 269 29.75 3.20 -11.49
C ILE A 269 30.21 1.74 -11.46
N HIS A 270 30.95 1.38 -10.40
CA HIS A 270 31.52 0.03 -10.20
C HIS A 270 31.50 -0.37 -8.72
N VAL A 271 31.70 -1.66 -8.41
CA VAL A 271 31.65 -2.17 -7.01
C VAL A 271 32.77 -1.52 -6.16
N GLY A 272 32.53 -1.46 -4.85
CA GLY A 272 33.49 -0.90 -3.93
C GLY A 272 33.37 0.61 -3.74
N ASP A 273 32.77 1.32 -4.70
CA ASP A 273 32.63 2.77 -4.63
C ASP A 273 31.90 3.18 -3.35
N ILE A 274 32.02 4.45 -3.00
CA ILE A 274 31.18 5.08 -1.97
C ILE A 274 30.50 6.22 -2.71
N ILE A 275 29.17 6.13 -2.80
CA ILE A 275 28.38 7.23 -3.34
C ILE A 275 28.16 8.25 -2.18
N LEU A 276 28.36 9.53 -2.49
CA LEU A 276 28.30 10.65 -1.52
C LEU A 276 26.98 11.42 -1.60
N ASN A 277 26.69 12.00 -2.77
CA ASN A 277 25.48 12.77 -3.05
C ASN A 277 24.68 12.09 -4.13
N VAL A 278 23.38 11.96 -3.91
CA VAL A 278 22.48 11.58 -4.99
C VAL A 278 21.58 12.76 -5.25
N ASN A 279 21.61 13.21 -6.52
CA ASN A 279 20.95 14.42 -6.99
C ASN A 279 20.92 15.53 -5.94
N ASN A 280 22.13 15.96 -5.56
CA ASN A 280 22.38 17.11 -4.68
C ASN A 280 22.06 16.86 -3.19
N LYS A 281 21.82 15.60 -2.82
CA LYS A 281 21.51 15.26 -1.44
C LYS A 281 22.48 14.22 -0.90
N PRO A 282 23.07 14.53 0.34
CA PRO A 282 24.00 13.48 0.82
C PRO A 282 23.33 12.12 0.87
N ALA A 283 24.06 11.08 0.48
CA ALA A 283 23.53 9.72 0.47
C ALA A 283 24.19 8.86 1.54
N THR A 284 23.65 8.90 2.74
CA THR A 284 24.18 8.11 3.86
C THR A 284 23.41 6.79 4.10
N SER A 285 22.08 6.87 4.20
CA SER A 285 21.23 5.70 4.51
C SER A 285 20.63 5.10 3.22
N VAL A 286 20.49 3.77 3.18
CA VAL A 286 20.09 3.05 1.95
C VAL A 286 18.59 3.20 1.68
N ILE A 287 17.78 2.97 2.70
CA ILE A 287 16.32 3.09 2.62
C ILE A 287 16.01 4.52 2.20
N GLU A 288 16.59 5.45 2.95
CA GLU A 288 16.46 6.88 2.64
C GLU A 288 16.84 7.20 1.20
N THR A 289 18.01 6.73 0.76
CA THR A 289 18.49 6.95 -0.63
C THR A 289 17.69 6.17 -1.71
N MET A 290 17.25 4.94 -1.40
CA MET A 290 16.40 4.16 -2.34
C MET A 290 15.01 4.78 -2.44
N ASP A 291 14.47 5.27 -1.30
CA ASP A 291 13.22 6.04 -1.31
C ASP A 291 13.33 7.28 -2.22
N GLN A 292 14.46 7.98 -2.14
CA GLN A 292 14.73 9.12 -3.00
C GLN A 292 14.73 8.86 -4.53
N VAL A 293 15.56 7.89 -4.93
CA VAL A 293 15.67 7.33 -6.30
C VAL A 293 14.31 6.88 -6.81
N ALA A 294 13.51 6.27 -5.92
CA ALA A 294 12.18 5.84 -6.32
C ALA A 294 11.38 7.02 -6.84
N GLU A 295 11.53 8.16 -6.19
CA GLU A 295 10.79 9.37 -6.52
C GLU A 295 11.14 10.02 -7.87
N VAL A 296 12.38 9.90 -8.33
CA VAL A 296 12.73 10.51 -9.58
C VAL A 296 12.06 9.79 -10.74
N ARG A 297 11.37 10.57 -11.58
CA ARG A 297 10.79 10.08 -12.83
C ARG A 297 11.84 9.40 -13.70
N PRO A 298 11.44 8.34 -14.41
CA PRO A 298 12.32 7.77 -15.42
C PRO A 298 12.60 8.71 -16.62
N GLY A 299 13.68 8.43 -17.33
CA GLY A 299 14.23 9.35 -18.33
C GLY A 299 14.69 10.69 -17.73
N THR A 300 14.86 10.75 -16.40
CA THR A 300 15.37 11.94 -15.74
C THR A 300 16.82 11.68 -15.52
N THR A 301 17.58 12.71 -15.78
CA THR A 301 19.01 12.67 -15.88
C THR A 301 19.51 13.44 -14.67
N ILE A 302 20.06 12.71 -13.70
CA ILE A 302 20.44 13.31 -12.44
C ILE A 302 21.95 13.26 -12.29
N PRO A 303 22.53 14.29 -11.63
CA PRO A 303 23.89 14.17 -11.11
C PRO A 303 23.95 13.33 -9.84
N VAL A 304 25.07 12.63 -9.68
CA VAL A 304 25.38 11.80 -8.52
C VAL A 304 26.81 12.18 -8.17
N LEU A 305 27.25 11.99 -6.92
CA LEU A 305 28.68 12.15 -6.57
C LEU A 305 29.25 10.93 -5.84
N LEU A 306 30.35 10.41 -6.38
CA LEU A 306 31.00 9.19 -5.90
C LEU A 306 32.42 9.48 -5.46
N LEU A 307 32.89 8.68 -4.49
CA LEU A 307 34.31 8.54 -4.20
C LEU A 307 34.83 7.27 -4.87
N ARG A 308 35.91 7.42 -5.65
CA ARG A 308 36.63 6.29 -6.27
C ARG A 308 38.12 6.43 -5.95
N ASN A 309 38.57 5.69 -4.93
CA ASN A 309 39.93 5.70 -4.41
C ASN A 309 40.40 7.13 -4.14
N GLY A 310 39.92 7.71 -3.03
CA GLY A 310 40.33 9.07 -2.61
C GLY A 310 40.27 10.21 -3.64
N GLN A 311 39.31 10.14 -4.55
CA GLN A 311 38.97 11.25 -5.46
C GLN A 311 37.44 11.32 -5.71
N GLN A 312 37.00 12.49 -6.18
CA GLN A 312 35.60 12.87 -6.20
C GLN A 312 35.11 13.16 -7.62
N ILE A 313 34.47 12.16 -8.22
CA ILE A 313 33.99 12.24 -9.59
C ILE A 313 32.46 12.32 -9.59
N ALA A 314 31.94 13.44 -10.09
CA ALA A 314 30.50 13.62 -10.33
C ALA A 314 30.11 12.73 -11.51
N VAL A 315 28.99 12.02 -11.36
CA VAL A 315 28.47 11.11 -12.39
C VAL A 315 27.06 11.55 -12.76
N GLN A 316 26.82 11.67 -14.07
CA GLN A 316 25.47 11.72 -14.60
C GLN A 316 24.96 10.29 -14.82
N ILE A 317 23.93 9.89 -14.07
CA ILE A 317 23.15 8.68 -14.36
C ILE A 317 21.77 9.13 -14.77
N THR A 318 21.16 8.40 -15.70
CA THR A 318 19.79 8.64 -16.18
C THR A 318 18.85 7.53 -15.66
N ILE A 319 17.81 7.98 -14.97
CA ILE A 319 16.90 7.12 -14.22
C ILE A 319 15.97 6.41 -15.20
N THR A 320 15.98 5.08 -15.18
CA THR A 320 14.95 4.26 -15.84
C THR A 320 13.79 3.85 -14.85
N GLU A 321 12.79 3.11 -15.36
CA GLU A 321 11.66 2.66 -14.54
C GLU A 321 11.94 1.29 -13.92
N LEU A 322 11.74 1.16 -12.60
CA LEU A 322 11.86 -0.14 -11.92
C LEU A 322 10.89 -1.18 -12.50
N ASP A 323 11.33 -2.44 -12.57
CA ASP A 323 10.42 -3.58 -12.96
C ASP A 323 9.92 -4.43 -11.78
#